data_2K8O
#
_entry.id   2K8O
#
_entity_poly.entity_id   1
_entity_poly.type   'polypeptide(L)'
_entity_poly.pdbx_seq_one_letter_code
;LKVGFFKRNLKEKIEAGRGVPNGIPAEDSEQLASGQEAGDPGCLKPLHEKDSESGGGKDG
;
_entity_poly.pdbx_strand_id   A
#
# COMPACT_ATOMS: atom_id res chain seq x y z
N LEU A 1 -8.28 -12.00 -15.71
CA LEU A 1 -8.82 -11.63 -14.40
C LEU A 1 -8.18 -10.34 -13.90
N LYS A 2 -9.00 -9.46 -13.32
CA LYS A 2 -8.52 -8.20 -12.79
C LYS A 2 -9.09 -7.93 -11.40
N VAL A 3 -8.21 -7.75 -10.43
CA VAL A 3 -8.63 -7.49 -9.05
C VAL A 3 -8.13 -6.13 -8.58
N GLY A 4 -7.08 -5.64 -9.21
CA GLY A 4 -6.52 -4.36 -8.84
C GLY A 4 -5.04 -4.43 -8.51
N PHE A 5 -4.45 -5.60 -8.73
CA PHE A 5 -3.03 -5.81 -8.45
C PHE A 5 -2.16 -4.82 -9.24
N PHE A 6 -2.74 -4.26 -10.30
CA PHE A 6 -2.03 -3.31 -11.13
C PHE A 6 -1.57 -2.11 -10.32
N LYS A 7 -2.34 -1.76 -9.30
CA LYS A 7 -2.03 -0.64 -8.43
C LYS A 7 -0.67 -0.84 -7.75
N ARG A 8 -0.19 -2.08 -7.74
CA ARG A 8 1.09 -2.40 -7.13
C ARG A 8 2.19 -1.45 -7.63
N ASN A 9 2.14 -1.13 -8.92
CA ASN A 9 3.12 -0.24 -9.52
C ASN A 9 2.78 1.22 -9.23
N LEU A 10 1.50 1.56 -9.36
CA LEU A 10 1.04 2.92 -9.12
C LEU A 10 1.40 3.36 -7.69
N LYS A 11 1.38 2.42 -6.76
CA LYS A 11 1.70 2.71 -5.37
C LYS A 11 3.17 2.44 -5.09
N GLU A 12 3.80 1.64 -5.94
CA GLU A 12 5.21 1.31 -5.77
C GLU A 12 6.04 2.56 -5.52
N LYS A 13 5.59 3.68 -6.06
CA LYS A 13 6.29 4.95 -5.90
C LYS A 13 6.03 5.54 -4.52
N ILE A 14 4.80 5.38 -4.04
CA ILE A 14 4.41 5.91 -2.73
C ILE A 14 5.33 5.36 -1.64
N GLU A 15 5.59 4.05 -1.68
CA GLU A 15 6.45 3.41 -0.70
C GLU A 15 7.76 4.18 -0.54
N ALA A 16 8.07 5.02 -1.52
CA ALA A 16 9.29 5.81 -1.48
C ALA A 16 8.99 7.29 -1.71
N GLY A 17 7.79 7.57 -2.20
CA GLY A 17 7.40 8.94 -2.47
C GLY A 17 6.90 9.66 -1.23
N ARG A 18 5.61 9.96 -1.20
CA ARG A 18 5.01 10.65 -0.06
C ARG A 18 3.52 10.32 0.05
N GLY A 19 3.16 9.13 -0.41
CA GLY A 19 1.77 8.71 -0.35
C GLY A 19 0.83 9.75 -0.95
N VAL A 20 -0.47 9.48 -0.86
CA VAL A 20 -1.47 10.39 -1.40
C VAL A 20 -1.93 11.39 -0.35
N PRO A 21 -2.53 10.88 0.74
CA PRO A 21 -3.03 11.72 1.84
C PRO A 21 -1.88 12.35 2.64
N ASN A 22 -0.88 11.55 2.95
CA ASN A 22 0.27 12.03 3.71
C ASN A 22 -0.17 12.98 4.82
N GLY A 23 -0.40 12.42 6.02
CA GLY A 23 -0.82 13.22 7.14
C GLY A 23 -2.01 12.62 7.87
N ILE A 24 -2.07 11.30 7.91
CA ILE A 24 -3.16 10.60 8.59
C ILE A 24 -2.63 9.45 9.43
N PRO A 25 -3.49 8.95 10.34
CA PRO A 25 -3.13 7.84 11.23
C PRO A 25 -3.00 6.52 10.49
N ALA A 26 -3.02 6.59 9.16
CA ALA A 26 -2.90 5.40 8.33
C ALA A 26 -1.62 4.64 8.65
N GLU A 27 -0.65 5.33 9.24
CA GLU A 27 0.63 4.72 9.60
C GLU A 27 0.42 3.47 10.44
N ASP A 28 -0.55 3.54 11.36
CA ASP A 28 -0.86 2.41 12.23
C ASP A 28 -1.46 1.26 11.44
N SER A 29 -2.15 1.59 10.35
CA SER A 29 -2.79 0.59 9.51
C SER A 29 -1.76 -0.10 8.62
N GLU A 30 -0.84 0.70 8.05
CA GLU A 30 0.19 0.16 7.17
C GLU A 30 1.05 -0.87 7.90
N GLN A 31 1.19 -0.69 9.21
CA GLN A 31 1.98 -1.60 10.03
C GLN A 31 1.56 -3.04 9.80
N LEU A 32 0.26 -3.27 9.74
CA LEU A 32 -0.27 -4.62 9.53
C LEU A 32 -0.42 -4.91 8.04
N ALA A 33 -0.72 -3.88 7.25
CA ALA A 33 -0.87 -4.03 5.82
C ALA A 33 0.42 -4.51 5.17
N SER A 34 1.54 -3.93 5.60
CA SER A 34 2.85 -4.28 5.06
C SER A 34 3.12 -5.77 5.24
N GLY A 35 2.80 -6.28 6.43
CA GLY A 35 3.01 -7.69 6.71
C GLY A 35 2.02 -8.59 6.01
N GLN A 36 0.83 -8.04 5.72
CA GLN A 36 -0.21 -8.81 5.05
C GLN A 36 0.07 -8.89 3.54
N GLU A 37 0.86 -7.95 3.04
CA GLU A 37 1.20 -7.92 1.62
C GLU A 37 1.99 -9.16 1.22
N ALA A 38 2.52 -9.86 2.22
CA ALA A 38 3.31 -11.06 1.97
C ALA A 38 2.54 -12.05 1.11
N GLY A 39 1.23 -11.85 1.00
CA GLY A 39 0.40 -12.72 0.20
C GLY A 39 1.13 -13.28 -1.00
N ASP A 40 1.42 -14.57 -0.98
CA ASP A 40 2.11 -15.22 -2.09
C ASP A 40 1.45 -14.89 -3.42
N PRO A 41 0.12 -15.07 -3.48
CA PRO A 41 -0.66 -14.79 -4.69
C PRO A 41 -0.75 -13.31 -5.00
N GLY A 42 -1.29 -12.98 -6.17
CA GLY A 42 -1.42 -11.59 -6.57
C GLY A 42 -2.68 -10.95 -6.03
N CYS A 43 -3.62 -11.78 -5.58
CA CYS A 43 -4.88 -11.30 -5.04
C CYS A 43 -4.64 -10.38 -3.84
N LEU A 44 -3.45 -10.48 -3.26
CA LEU A 44 -3.10 -9.66 -2.10
C LEU A 44 -2.50 -8.33 -2.54
N LYS A 45 -2.05 -8.28 -3.78
CA LYS A 45 -1.44 -7.06 -4.33
C LYS A 45 -2.43 -5.90 -4.26
N PRO A 46 -3.68 -6.15 -4.67
CA PRO A 46 -4.74 -5.13 -4.67
C PRO A 46 -5.17 -4.76 -3.26
N LEU A 47 -4.88 -5.63 -2.30
CA LEU A 47 -5.23 -5.39 -0.90
C LEU A 47 -4.13 -4.61 -0.19
N HIS A 48 -2.91 -4.76 -0.67
CA HIS A 48 -1.76 -4.06 -0.08
C HIS A 48 -1.63 -2.66 -0.65
N GLU A 49 -1.80 -2.53 -1.96
CA GLU A 49 -1.69 -1.24 -2.62
C GLU A 49 -2.60 -0.22 -1.97
N LYS A 50 -3.81 -0.64 -1.62
CA LYS A 50 -4.79 0.24 -0.99
C LYS A 50 -4.19 0.89 0.25
N ASP A 51 -3.51 0.10 1.06
CA ASP A 51 -2.89 0.61 2.29
C ASP A 51 -1.60 1.36 1.98
N SER A 52 -1.06 1.12 0.79
CA SER A 52 0.17 1.78 0.36
C SER A 52 -0.06 3.27 0.11
N GLU A 53 -1.20 3.58 -0.50
CA GLU A 53 -1.54 4.96 -0.80
C GLU A 53 -1.59 5.80 0.48
N SER A 54 -2.12 5.21 1.55
CA SER A 54 -2.23 5.91 2.82
C SER A 54 -0.93 5.81 3.61
N GLY A 55 -0.12 4.81 3.27
CA GLY A 55 1.15 4.62 3.96
C GLY A 55 2.05 5.84 3.87
N GLY A 56 1.63 6.82 3.07
CA GLY A 56 2.42 8.03 2.92
C GLY A 56 2.91 8.58 4.25
N GLY A 57 2.10 8.40 5.29
CA GLY A 57 2.46 8.89 6.61
C GLY A 57 3.74 8.27 7.11
N LYS A 58 3.91 6.97 6.88
CA LYS A 58 5.11 6.26 7.33
C LYS A 58 6.23 6.41 6.31
N ASP A 59 5.85 6.54 5.03
CA ASP A 59 6.83 6.69 3.97
C ASP A 59 7.50 8.06 4.02
N GLY A 60 6.70 9.08 4.30
CA GLY A 60 7.23 10.44 4.37
C GLY A 60 8.08 10.66 5.61
N LEU A 1 -7.95 -11.94 -16.11
CA LEU A 1 -7.74 -11.88 -14.67
C LEU A 1 -7.60 -10.43 -14.20
N LYS A 2 -8.67 -9.89 -13.63
CA LYS A 2 -8.68 -8.53 -13.14
C LYS A 2 -9.08 -8.47 -11.67
N VAL A 3 -8.23 -7.89 -10.84
CA VAL A 3 -8.50 -7.77 -9.42
C VAL A 3 -8.01 -6.43 -8.86
N GLY A 4 -6.86 -5.98 -9.36
CA GLY A 4 -6.30 -4.73 -8.90
C GLY A 4 -4.83 -4.83 -8.55
N PHE A 5 -4.26 -6.01 -8.78
CA PHE A 5 -2.84 -6.24 -8.48
C PHE A 5 -1.96 -5.24 -9.23
N PHE A 6 -2.52 -4.65 -10.28
CA PHE A 6 -1.78 -3.67 -11.08
C PHE A 6 -1.32 -2.49 -10.22
N LYS A 7 -2.07 -2.23 -9.15
CA LYS A 7 -1.75 -1.13 -8.25
C LYS A 7 -0.37 -1.34 -7.62
N ARG A 8 0.13 -2.56 -7.69
CA ARG A 8 1.44 -2.89 -7.13
C ARG A 8 2.49 -1.88 -7.57
N ASN A 9 2.43 -1.49 -8.85
CA ASN A 9 3.38 -0.54 -9.39
C ASN A 9 2.95 0.89 -9.09
N LEU A 10 1.66 1.17 -9.23
CA LEU A 10 1.13 2.50 -8.97
C LEU A 10 1.42 2.93 -7.54
N LYS A 11 1.47 1.95 -6.63
CA LYS A 11 1.76 2.23 -5.23
C LYS A 11 3.25 2.09 -4.93
N GLU A 12 3.94 1.34 -5.77
CA GLU A 12 5.37 1.12 -5.60
C GLU A 12 6.09 2.46 -5.37
N LYS A 13 5.54 3.52 -5.94
CA LYS A 13 6.12 4.86 -5.80
C LYS A 13 5.78 5.46 -4.44
N ILE A 14 4.56 5.20 -3.98
CA ILE A 14 4.11 5.73 -2.70
C ILE A 14 5.02 5.27 -1.57
N GLU A 15 5.37 3.98 -1.58
CA GLU A 15 6.23 3.41 -0.55
C GLU A 15 7.46 4.28 -0.33
N ALA A 16 7.76 5.14 -1.31
CA ALA A 16 8.90 6.03 -1.22
C ALA A 16 8.48 7.49 -1.40
N GLY A 17 7.34 7.69 -2.04
CA GLY A 17 6.85 9.04 -2.26
C GLY A 17 6.30 9.67 -0.99
N ARG A 18 4.98 9.84 -0.94
CA ARG A 18 4.33 10.44 0.23
C ARG A 18 2.85 10.06 0.27
N GLY A 19 2.51 8.95 -0.37
CA GLY A 19 1.13 8.49 -0.39
C GLY A 19 0.16 9.60 -0.78
N VAL A 20 -1.13 9.30 -0.70
CA VAL A 20 -2.16 10.28 -1.05
C VAL A 20 -2.56 11.11 0.16
N PRO A 21 -3.17 10.44 1.16
CA PRO A 21 -3.62 11.10 2.40
C PRO A 21 -2.45 11.55 3.27
N ASN A 22 -1.46 10.67 3.43
CA ASN A 22 -0.30 10.97 4.24
C ASN A 22 -0.67 11.85 5.44
N GLY A 23 -1.14 11.21 6.51
CA GLY A 23 -1.52 11.95 7.70
C GLY A 23 -1.15 11.22 8.98
N ILE A 24 -2.09 11.18 9.92
CA ILE A 24 -1.86 10.50 11.19
C ILE A 24 -1.94 8.99 11.04
N PRO A 25 -3.05 8.51 10.46
CA PRO A 25 -3.27 7.08 10.24
C PRO A 25 -2.35 6.51 9.17
N ALA A 26 -1.57 7.38 8.54
CA ALA A 26 -0.64 6.96 7.50
C ALA A 26 0.36 5.95 8.04
N GLU A 27 0.90 6.23 9.22
CA GLU A 27 1.89 5.34 9.84
C GLU A 27 1.21 4.10 10.42
N ASP A 28 0.06 4.31 11.08
CA ASP A 28 -0.68 3.22 11.67
C ASP A 28 -1.20 2.26 10.61
N SER A 29 -1.45 2.79 9.42
CA SER A 29 -1.96 1.98 8.31
C SER A 29 -0.84 1.15 7.70
N GLU A 30 0.32 1.78 7.51
CA GLU A 30 1.47 1.08 6.92
C GLU A 30 1.87 -0.11 7.78
N GLN A 31 1.65 0.00 9.09
CA GLN A 31 1.99 -1.09 10.01
C GLN A 31 1.38 -2.40 9.55
N LEU A 32 0.13 -2.36 9.12
CA LEU A 32 -0.57 -3.56 8.66
C LEU A 32 -0.34 -3.76 7.17
N ALA A 33 -0.17 -2.67 6.44
CA ALA A 33 0.06 -2.74 4.99
C ALA A 33 1.37 -3.45 4.68
N SER A 34 2.43 -3.09 5.41
CA SER A 34 3.73 -3.68 5.21
C SER A 34 3.70 -5.19 5.45
N GLY A 35 3.06 -5.58 6.55
CA GLY A 35 2.96 -7.00 6.88
C GLY A 35 1.97 -7.73 5.99
N GLN A 36 1.02 -6.99 5.43
CA GLN A 36 0.00 -7.58 4.57
C GLN A 36 0.56 -7.84 3.18
N GLU A 37 1.59 -7.08 2.81
CA GLU A 37 2.22 -7.22 1.49
C GLU A 37 2.73 -8.64 1.28
N ALA A 38 2.90 -9.37 2.38
CA ALA A 38 3.38 -10.74 2.32
C ALA A 38 2.48 -11.59 1.44
N GLY A 39 1.28 -11.10 1.16
CA GLY A 39 0.34 -11.83 0.32
C GLY A 39 1.03 -12.59 -0.78
N ASP A 40 1.13 -13.91 -0.61
CA ASP A 40 1.78 -14.76 -1.61
C ASP A 40 1.06 -14.66 -2.95
N PRO A 41 -0.27 -14.83 -2.93
CA PRO A 41 -1.09 -14.77 -4.15
C PRO A 41 -1.19 -13.35 -4.70
N GLY A 42 -1.70 -13.23 -5.92
CA GLY A 42 -1.83 -11.93 -6.56
C GLY A 42 -3.13 -11.24 -6.19
N CYS A 43 -4.18 -12.04 -5.99
CA CYS A 43 -5.48 -11.50 -5.64
C CYS A 43 -5.41 -10.70 -4.34
N LEU A 44 -4.35 -10.93 -3.57
CA LEU A 44 -4.17 -10.23 -2.30
C LEU A 44 -3.39 -8.94 -2.50
N LYS A 45 -2.73 -8.82 -3.66
CA LYS A 45 -1.94 -7.63 -3.97
C LYS A 45 -2.82 -6.38 -3.95
N PRO A 46 -4.03 -6.50 -4.52
CA PRO A 46 -4.98 -5.39 -4.59
C PRO A 46 -5.56 -5.04 -3.22
N LEU A 47 -5.30 -5.90 -2.24
CA LEU A 47 -5.79 -5.68 -0.88
C LEU A 47 -4.77 -4.93 -0.04
N HIS A 48 -3.49 -5.10 -0.37
CA HIS A 48 -2.42 -4.43 0.35
C HIS A 48 -2.14 -3.06 -0.25
N GLU A 49 -2.10 -2.99 -1.58
CA GLU A 49 -1.84 -1.75 -2.28
C GLU A 49 -2.77 -0.64 -1.78
N LYS A 50 -4.02 -1.00 -1.49
CA LYS A 50 -5.01 -0.05 -1.00
C LYS A 50 -4.48 0.68 0.23
N ASP A 51 -3.93 -0.07 1.17
CA ASP A 51 -3.39 0.51 2.39
C ASP A 51 -2.04 1.16 2.15
N SER A 52 -1.42 0.81 1.02
CA SER A 52 -0.12 1.36 0.67
C SER A 52 -0.24 2.83 0.27
N GLU A 53 -1.33 3.17 -0.41
CA GLU A 53 -1.56 4.53 -0.85
C GLU A 53 -1.54 5.49 0.33
N SER A 54 -2.11 5.06 1.45
CA SER A 54 -2.16 5.88 2.66
C SER A 54 -0.87 5.76 3.45
N GLY A 55 -0.28 4.57 3.44
CA GLY A 55 0.96 4.34 4.15
C GLY A 55 2.08 5.24 3.68
N GLY A 56 1.91 5.85 2.52
CA GLY A 56 2.92 6.73 1.97
C GLY A 56 3.30 7.83 2.93
N GLY A 57 2.36 8.22 3.79
CA GLY A 57 2.62 9.28 4.74
C GLY A 57 3.82 8.98 5.62
N LYS A 58 3.89 7.76 6.13
CA LYS A 58 5.00 7.35 6.99
C LYS A 58 6.19 6.88 6.16
N ASP A 59 5.93 6.44 4.94
CA ASP A 59 6.97 5.98 4.04
C ASP A 59 7.76 7.15 3.46
N GLY A 60 7.08 8.28 3.31
CA GLY A 60 7.73 9.47 2.76
C GLY A 60 6.78 10.64 2.62
N LEU A 1 -2.43 -9.64 -13.44
CA LEU A 1 -3.25 -10.36 -12.48
C LEU A 1 -4.69 -9.84 -12.49
N LYS A 2 -4.85 -8.59 -12.93
CA LYS A 2 -6.17 -7.97 -13.00
C LYS A 2 -6.77 -7.82 -11.60
N VAL A 3 -8.04 -7.44 -11.55
CA VAL A 3 -8.73 -7.26 -10.27
C VAL A 3 -8.20 -6.04 -9.53
N GLY A 4 -7.31 -5.30 -10.18
CA GLY A 4 -6.74 -4.13 -9.56
C GLY A 4 -5.25 -4.27 -9.28
N PHE A 5 -4.72 -5.44 -9.57
CA PHE A 5 -3.30 -5.72 -9.34
C PHE A 5 -2.43 -4.71 -10.09
N PHE A 6 -3.00 -4.07 -11.09
CA PHE A 6 -2.28 -3.08 -11.89
C PHE A 6 -1.78 -1.93 -11.01
N LYS A 7 -2.50 -1.69 -9.92
CA LYS A 7 -2.13 -0.62 -8.99
C LYS A 7 -0.73 -0.86 -8.41
N ARG A 8 -0.24 -2.08 -8.56
CA ARG A 8 1.09 -2.43 -8.05
C ARG A 8 2.11 -1.39 -8.45
N ASN A 9 2.01 -0.90 -9.68
CA ASN A 9 2.94 0.11 -10.19
C ASN A 9 2.55 1.49 -9.70
N LEU A 10 1.26 1.81 -9.75
CA LEU A 10 0.76 3.10 -9.31
C LEU A 10 1.12 3.36 -7.85
N LYS A 11 1.20 2.29 -7.07
CA LYS A 11 1.54 2.39 -5.66
C LYS A 11 3.04 2.19 -5.44
N GLU A 12 3.69 1.54 -6.41
CA GLU A 12 5.12 1.29 -6.32
C GLU A 12 5.88 2.56 -5.94
N LYS A 13 5.32 3.71 -6.33
CA LYS A 13 5.95 4.99 -6.03
C LYS A 13 5.73 5.38 -4.57
N ILE A 14 4.54 5.08 -4.05
CA ILE A 14 4.21 5.39 -2.67
C ILE A 14 5.18 4.71 -1.71
N GLU A 15 5.47 3.44 -1.96
CA GLU A 15 6.39 2.69 -1.12
C GLU A 15 7.68 3.46 -0.89
N ALA A 16 7.92 4.46 -1.73
CA ALA A 16 9.13 5.28 -1.62
C ALA A 16 8.78 6.77 -1.62
N GLY A 17 7.57 7.08 -2.08
CA GLY A 17 7.15 8.47 -2.13
C GLY A 17 6.65 8.97 -0.78
N ARG A 18 5.40 9.41 -0.75
CA ARG A 18 4.80 9.92 0.49
C ARG A 18 3.31 9.58 0.56
N GLY A 19 2.95 8.44 -0.02
CA GLY A 19 1.56 8.01 0.00
C GLY A 19 0.61 9.11 -0.45
N VAL A 20 -0.68 8.88 -0.26
CA VAL A 20 -1.69 9.86 -0.65
C VAL A 20 -2.26 10.57 0.57
N PRO A 21 -2.95 9.81 1.44
CA PRO A 21 -3.55 10.36 2.66
C PRO A 21 -2.51 10.77 3.69
N ASN A 22 -1.25 10.42 3.43
CA ASN A 22 -0.16 10.75 4.34
C ASN A 22 -0.47 12.03 5.11
N GLY A 23 -0.28 11.98 6.43
CA GLY A 23 -0.54 13.14 7.26
C GLY A 23 -1.47 12.82 8.42
N ILE A 24 -1.82 11.55 8.56
CA ILE A 24 -2.70 11.11 9.64
C ILE A 24 -2.05 10.05 10.50
N PRO A 25 -2.64 9.79 11.67
CA PRO A 25 -2.12 8.80 12.63
C PRO A 25 -2.29 7.37 12.12
N ALA A 26 -2.91 7.23 10.95
CA ALA A 26 -3.14 5.93 10.35
C ALA A 26 -1.82 5.30 9.91
N GLU A 27 -0.79 6.13 9.78
CA GLU A 27 0.52 5.64 9.36
C GLU A 27 1.00 4.50 10.25
N ASP A 28 0.75 4.64 11.55
CA ASP A 28 1.14 3.61 12.51
C ASP A 28 0.38 2.31 12.28
N SER A 29 -0.85 2.44 11.78
CA SER A 29 -1.70 1.28 11.50
C SER A 29 -1.28 0.60 10.21
N GLU A 30 -1.00 1.40 9.19
CA GLU A 30 -0.59 0.87 7.89
C GLU A 30 0.71 0.08 8.01
N GLN A 31 1.51 0.42 9.01
CA GLN A 31 2.78 -0.26 9.23
C GLN A 31 2.59 -1.77 9.35
N LEU A 32 1.56 -2.15 10.09
CA LEU A 32 1.26 -3.58 10.29
C LEU A 32 0.33 -4.09 9.20
N ALA A 33 -0.57 -3.24 8.75
CA ALA A 33 -1.52 -3.62 7.70
C ALA A 33 -0.79 -3.95 6.40
N SER A 34 0.21 -3.14 6.07
CA SER A 34 0.98 -3.34 4.85
C SER A 34 1.70 -4.68 4.87
N GLY A 35 2.27 -5.02 6.03
CA GLY A 35 2.98 -6.28 6.17
C GLY A 35 2.05 -7.47 6.11
N GLN A 36 0.83 -7.31 6.62
CA GLN A 36 -0.15 -8.38 6.63
C GLN A 36 -0.88 -8.47 5.29
N GLU A 37 -1.02 -7.32 4.62
CA GLU A 37 -1.70 -7.27 3.34
C GLU A 37 -0.73 -7.61 2.20
N ALA A 38 0.53 -7.82 2.54
CA ALA A 38 1.55 -8.14 1.56
C ALA A 38 1.02 -9.14 0.54
N GLY A 39 0.11 -10.00 0.97
CA GLY A 39 -0.46 -10.99 0.08
C GLY A 39 0.59 -11.68 -0.78
N ASP A 40 0.93 -12.91 -0.40
CA ASP A 40 1.94 -13.68 -1.14
C ASP A 40 1.56 -13.80 -2.61
N PRO A 41 0.30 -14.19 -2.86
CA PRO A 41 -0.22 -14.36 -4.22
C PRO A 41 -0.38 -13.02 -4.95
N GLY A 42 -0.71 -13.09 -6.24
CA GLY A 42 -0.90 -11.88 -7.01
C GLY A 42 -2.30 -11.31 -6.88
N CYS A 43 -3.27 -12.19 -6.65
CA CYS A 43 -4.65 -11.77 -6.50
C CYS A 43 -4.81 -10.80 -5.33
N LEU A 44 -3.80 -10.76 -4.47
CA LEU A 44 -3.83 -9.88 -3.31
C LEU A 44 -3.22 -8.53 -3.63
N LYS A 45 -2.56 -8.44 -4.78
CA LYS A 45 -1.93 -7.20 -5.22
C LYS A 45 -2.94 -6.06 -5.24
N PRO A 46 -4.15 -6.34 -5.74
CA PRO A 46 -5.23 -5.36 -5.83
C PRO A 46 -5.79 -4.99 -4.46
N LEU A 47 -5.69 -5.93 -3.51
CA LEU A 47 -6.18 -5.70 -2.16
C LEU A 47 -5.11 -5.07 -1.28
N HIS A 48 -3.85 -5.28 -1.66
CA HIS A 48 -2.72 -4.73 -0.91
C HIS A 48 -2.42 -3.31 -1.35
N GLU A 49 -2.52 -3.06 -2.66
CA GLU A 49 -2.25 -1.74 -3.22
C GLU A 49 -3.09 -0.67 -2.50
N LYS A 50 -4.34 -1.00 -2.24
CA LYS A 50 -5.25 -0.08 -1.56
C LYS A 50 -4.64 0.42 -0.25
N ASP A 51 -4.07 -0.49 0.52
CA ASP A 51 -3.45 -0.15 1.79
C ASP A 51 -2.08 0.49 1.58
N SER A 52 -1.52 0.28 0.39
CA SER A 52 -0.21 0.82 0.06
C SER A 52 -0.28 2.34 -0.12
N GLU A 53 -1.38 2.81 -0.68
CA GLU A 53 -1.57 4.24 -0.90
C GLU A 53 -1.46 5.01 0.41
N SER A 54 -1.99 4.43 1.48
CA SER A 54 -1.96 5.07 2.79
C SER A 54 -0.65 4.78 3.51
N GLY A 55 -0.11 3.58 3.26
CA GLY A 55 1.14 3.19 3.89
C GLY A 55 2.28 4.14 3.56
N GLY A 56 2.11 4.92 2.51
CA GLY A 56 3.13 5.86 2.11
C GLY A 56 3.46 6.86 3.20
N GLY A 57 2.44 7.30 3.93
CA GLY A 57 2.65 8.26 5.00
C GLY A 57 3.66 7.77 6.02
N LYS A 58 3.59 6.49 6.35
CA LYS A 58 4.50 5.90 7.31
C LYS A 58 5.85 5.56 6.67
N ASP A 59 5.81 5.31 5.36
CA ASP A 59 7.03 4.98 4.62
C ASP A 59 7.89 6.21 4.39
N GLY A 60 7.23 7.36 4.22
CA GLY A 60 7.95 8.60 3.99
C GLY A 60 8.42 9.24 5.28
N LEU A 1 -3.50 -7.84 -13.83
CA LEU A 1 -4.76 -8.52 -13.50
C LEU A 1 -5.89 -7.51 -13.35
N LYS A 2 -7.10 -8.01 -13.14
CA LYS A 2 -8.27 -7.16 -12.98
C LYS A 2 -8.56 -6.91 -11.51
N VAL A 3 -8.21 -7.87 -10.66
CA VAL A 3 -8.43 -7.75 -9.23
C VAL A 3 -7.94 -6.42 -8.70
N GLY A 4 -6.90 -5.89 -9.34
CA GLY A 4 -6.34 -4.61 -8.93
C GLY A 4 -4.86 -4.71 -8.62
N PHE A 5 -4.28 -5.87 -8.84
CA PHE A 5 -2.87 -6.09 -8.58
C PHE A 5 -2.01 -5.12 -9.38
N PHE A 6 -2.58 -4.57 -10.44
CA PHE A 6 -1.87 -3.61 -11.29
C PHE A 6 -1.44 -2.39 -10.49
N LYS A 7 -2.18 -2.09 -9.43
CA LYS A 7 -1.87 -0.94 -8.59
C LYS A 7 -0.50 -1.09 -7.94
N ARG A 8 0.03 -2.31 -7.97
CA ARG A 8 1.34 -2.58 -7.39
C ARG A 8 2.37 -1.56 -7.86
N ASN A 9 2.30 -1.20 -9.13
CA ASN A 9 3.23 -0.23 -9.71
C ASN A 9 2.77 1.19 -9.39
N LEU A 10 1.47 1.44 -9.50
CA LEU A 10 0.91 2.76 -9.22
C LEU A 10 1.25 3.21 -7.80
N LYS A 11 1.38 2.25 -6.90
CA LYS A 11 1.70 2.55 -5.51
C LYS A 11 3.21 2.45 -5.27
N GLU A 12 3.88 1.68 -6.12
CA GLU A 12 5.33 1.50 -5.99
C GLU A 12 6.03 2.85 -5.84
N LYS A 13 5.41 3.90 -6.36
CA LYS A 13 5.97 5.24 -6.28
C LYS A 13 5.69 5.87 -4.93
N ILE A 14 4.49 5.63 -4.40
CA ILE A 14 4.10 6.17 -3.11
C ILE A 14 5.08 5.75 -2.02
N GLU A 15 5.44 4.47 -2.00
CA GLU A 15 6.37 3.95 -1.02
C GLU A 15 7.62 4.83 -0.94
N ALA A 16 7.83 5.64 -1.97
CA ALA A 16 8.99 6.53 -2.01
C ALA A 16 8.56 7.99 -2.09
N GLY A 17 7.36 8.22 -2.62
CA GLY A 17 6.86 9.57 -2.74
C GLY A 17 6.36 10.13 -1.43
N ARG A 18 5.04 10.22 -1.28
CA ARG A 18 4.43 10.75 -0.06
C ARG A 18 2.97 10.34 0.04
N GLY A 19 2.61 9.26 -0.65
CA GLY A 19 1.24 8.79 -0.63
C GLY A 19 0.23 9.92 -0.84
N VAL A 20 -1.03 9.62 -0.58
CA VAL A 20 -2.10 10.62 -0.74
C VAL A 20 -2.38 11.33 0.57
N PRO A 21 -2.90 10.57 1.54
CA PRO A 21 -3.24 11.11 2.87
C PRO A 21 -2.00 11.49 3.67
N ASN A 22 -0.99 10.61 3.65
CA ASN A 22 0.24 10.86 4.38
C ASN A 22 -0.03 11.57 5.71
N GLY A 23 -0.36 10.79 6.73
CA GLY A 23 -0.65 11.36 8.04
C GLY A 23 -0.56 10.34 9.14
N ILE A 24 -1.49 10.41 10.08
CA ILE A 24 -1.51 9.49 11.21
C ILE A 24 -1.93 8.09 10.76
N PRO A 25 -3.04 8.01 10.01
CA PRO A 25 -3.58 6.75 9.51
C PRO A 25 -2.69 6.14 8.43
N ALA A 26 -1.59 6.82 8.11
CA ALA A 26 -0.66 6.35 7.10
C ALA A 26 0.27 5.28 7.66
N GLU A 27 0.79 5.53 8.86
CA GLU A 27 1.70 4.59 9.51
C GLU A 27 0.92 3.47 10.20
N ASP A 28 -0.18 3.83 10.86
CA ASP A 28 -1.01 2.86 11.55
C ASP A 28 -1.60 1.86 10.57
N SER A 29 -1.86 2.31 9.35
CA SER A 29 -2.44 1.45 8.32
C SER A 29 -1.39 0.49 7.76
N GLU A 30 -0.20 1.02 7.48
CA GLU A 30 0.88 0.20 6.95
C GLU A 30 1.23 -0.93 7.90
N GLN A 31 1.01 -0.71 9.19
CA GLN A 31 1.30 -1.71 10.21
C GLN A 31 0.65 -3.05 9.86
N LEU A 32 -0.60 -2.99 9.42
CA LEU A 32 -1.34 -4.19 9.04
C LEU A 32 -1.11 -4.55 7.59
N ALA A 33 -0.92 -3.52 6.75
CA ALA A 33 -0.69 -3.73 5.33
C ALA A 33 0.59 -4.51 5.09
N SER A 34 1.64 -4.18 5.84
CA SER A 34 2.92 -4.85 5.70
C SER A 34 2.79 -6.34 5.95
N GLY A 35 2.04 -6.70 6.99
CA GLY A 35 1.83 -8.09 7.32
C GLY A 35 0.91 -8.79 6.35
N GLN A 36 0.01 -8.03 5.74
CA GLN A 36 -0.93 -8.58 4.78
C GLN A 36 -0.27 -8.81 3.43
N GLU A 37 0.81 -8.09 3.18
CA GLU A 37 1.53 -8.22 1.92
C GLU A 37 2.13 -9.61 1.77
N ALA A 38 2.22 -10.33 2.88
CA ALA A 38 2.75 -11.68 2.87
C ALA A 38 2.02 -12.57 1.87
N GLY A 39 0.82 -12.13 1.46
CA GLY A 39 0.04 -12.89 0.52
C GLY A 39 0.88 -13.46 -0.61
N ASP A 40 1.12 -14.76 -0.56
CA ASP A 40 1.91 -15.44 -1.59
C ASP A 40 1.37 -15.13 -2.98
N PRO A 41 0.05 -15.32 -3.16
CA PRO A 41 -0.62 -15.07 -4.44
C PRO A 41 -0.69 -13.58 -4.79
N GLY A 42 -1.14 -13.28 -6.00
CA GLY A 42 -1.24 -11.90 -6.43
C GLY A 42 -2.53 -11.25 -5.99
N CYS A 43 -3.49 -12.07 -5.58
CA CYS A 43 -4.79 -11.57 -5.14
C CYS A 43 -4.63 -10.63 -3.94
N LEU A 44 -3.47 -10.70 -3.30
CA LEU A 44 -3.19 -9.86 -2.14
C LEU A 44 -2.59 -8.52 -2.57
N LYS A 45 -2.07 -8.49 -3.80
CA LYS A 45 -1.46 -7.27 -4.33
C LYS A 45 -2.47 -6.12 -4.36
N PRO A 46 -3.69 -6.42 -4.82
CA PRO A 46 -4.77 -5.42 -4.90
C PRO A 46 -5.28 -5.02 -3.52
N LEU A 47 -5.07 -5.87 -2.54
CA LEU A 47 -5.51 -5.60 -1.18
C LEU A 47 -4.45 -4.83 -0.40
N HIS A 48 -3.19 -5.01 -0.80
CA HIS A 48 -2.07 -4.33 -0.15
C HIS A 48 -1.87 -2.94 -0.74
N GLU A 49 -1.99 -2.84 -2.06
CA GLU A 49 -1.81 -1.57 -2.75
C GLU A 49 -2.72 -0.49 -2.15
N LYS A 50 -3.95 -0.88 -1.82
CA LYS A 50 -4.91 0.04 -1.24
C LYS A 50 -4.33 0.74 -0.02
N ASP A 51 -3.68 -0.04 0.84
CA ASP A 51 -3.08 0.50 2.05
C ASP A 51 -1.76 1.19 1.74
N SER A 52 -1.19 0.88 0.57
CA SER A 52 0.07 1.47 0.16
C SER A 52 -0.09 2.95 -0.18
N GLU A 53 -1.23 3.28 -0.78
CA GLU A 53 -1.52 4.66 -1.15
C GLU A 53 -1.42 5.59 0.06
N SER A 54 -1.93 5.11 1.19
CA SER A 54 -1.91 5.91 2.42
C SER A 54 -0.59 5.73 3.16
N GLY A 55 0.02 4.54 3.01
CA GLY A 55 1.28 4.27 3.67
C GLY A 55 2.37 5.23 3.27
N GLY A 56 2.12 5.99 2.20
CA GLY A 56 3.11 6.95 1.73
C GLY A 56 3.59 7.87 2.83
N GLY A 57 2.71 8.17 3.78
CA GLY A 57 3.07 9.05 4.88
C GLY A 57 4.26 8.52 5.67
N LYS A 58 4.25 7.21 5.94
CA LYS A 58 5.33 6.59 6.70
C LYS A 58 6.49 6.21 5.79
N ASP A 59 6.19 5.99 4.52
CA ASP A 59 7.20 5.62 3.53
C ASP A 59 8.00 6.85 3.10
N GLY A 60 7.35 8.02 3.12
CA GLY A 60 8.02 9.24 2.72
C GLY A 60 9.25 9.52 3.55
N LEU A 1 -7.65 -11.56 -16.80
CA LEU A 1 -8.19 -11.35 -15.46
C LEU A 1 -7.60 -10.11 -14.82
N LYS A 2 -8.48 -9.19 -14.41
CA LYS A 2 -8.05 -7.95 -13.78
C LYS A 2 -8.70 -7.79 -12.40
N VAL A 3 -7.88 -7.81 -11.36
CA VAL A 3 -8.38 -7.66 -10.00
C VAL A 3 -7.92 -6.34 -9.38
N GLY A 4 -6.83 -5.81 -9.90
CA GLY A 4 -6.30 -4.55 -9.39
C GLY A 4 -4.83 -4.63 -9.06
N PHE A 5 -4.23 -5.79 -9.30
CA PHE A 5 -2.81 -6.00 -9.00
C PHE A 5 -1.95 -4.98 -9.76
N PHE A 6 -2.53 -4.38 -10.80
CA PHE A 6 -1.82 -3.39 -11.59
C PHE A 6 -1.37 -2.22 -10.72
N LYS A 7 -2.09 -1.99 -9.63
CA LYS A 7 -1.77 -0.90 -8.72
C LYS A 7 -0.37 -1.08 -8.13
N ARG A 8 0.17 -2.29 -8.25
CA ARG A 8 1.49 -2.58 -7.73
C ARG A 8 2.50 -1.53 -8.17
N ASN A 9 2.39 -1.11 -9.42
CA ASN A 9 3.30 -0.10 -9.97
C ASN A 9 2.87 1.30 -9.55
N LEU A 10 1.56 1.56 -9.62
CA LEU A 10 1.02 2.86 -9.25
C LEU A 10 1.37 3.21 -7.81
N LYS A 11 1.48 2.18 -6.97
CA LYS A 11 1.81 2.37 -5.56
C LYS A 11 3.32 2.23 -5.33
N GLU A 12 3.98 1.55 -6.25
CA GLU A 12 5.43 1.34 -6.15
C GLU A 12 6.15 2.66 -5.85
N LYS A 13 5.55 3.77 -6.30
CA LYS A 13 6.13 5.08 -6.08
C LYS A 13 5.85 5.57 -4.67
N ILE A 14 4.65 5.27 -4.17
CA ILE A 14 4.27 5.67 -2.82
C ILE A 14 5.24 5.13 -1.79
N GLU A 15 5.58 3.86 -1.92
CA GLU A 15 6.50 3.21 -0.99
C GLU A 15 7.74 4.08 -0.75
N ALA A 16 7.97 5.02 -1.67
CA ALA A 16 9.12 5.91 -1.56
C ALA A 16 8.68 7.37 -1.62
N GLY A 17 7.50 7.60 -2.18
CA GLY A 17 6.99 8.96 -2.29
C GLY A 17 6.51 9.51 -0.95
N ARG A 18 5.20 9.72 -0.84
CA ARG A 18 4.63 10.26 0.39
C ARG A 18 3.16 9.84 0.53
N GLY A 19 2.82 8.70 -0.06
CA GLY A 19 1.46 8.21 0.01
C GLY A 19 0.44 9.28 -0.35
N VAL A 20 -0.82 9.01 -0.04
CA VAL A 20 -1.89 9.96 -0.33
C VAL A 20 -2.41 10.61 0.95
N PRO A 21 -3.00 9.79 1.83
CA PRO A 21 -3.55 10.26 3.10
C PRO A 21 -2.46 10.69 4.08
N ASN A 22 -1.21 10.39 3.74
CA ASN A 22 -0.08 10.74 4.58
C ASN A 22 -0.37 12.00 5.40
N GLY A 23 -0.27 11.89 6.71
CA GLY A 23 -0.53 13.03 7.57
C GLY A 23 -1.63 12.76 8.59
N ILE A 24 -1.80 11.48 8.93
CA ILE A 24 -2.83 11.08 9.88
C ILE A 24 -2.28 10.04 10.87
N PRO A 25 -2.98 9.88 12.00
CA PRO A 25 -2.59 8.92 13.04
C PRO A 25 -2.79 7.48 12.59
N ALA A 26 -3.41 7.30 11.44
CA ALA A 26 -3.66 5.96 10.90
C ALA A 26 -2.39 5.37 10.30
N GLU A 27 -1.39 6.22 10.06
CA GLU A 27 -0.13 5.79 9.49
C GLU A 27 0.48 4.66 10.31
N ASP A 28 0.30 4.73 11.62
CA ASP A 28 0.83 3.71 12.52
C ASP A 28 0.06 2.40 12.39
N SER A 29 -1.21 2.51 11.98
CA SER A 29 -2.06 1.33 11.81
C SER A 29 -1.78 0.65 10.47
N GLU A 30 -1.63 1.47 9.42
CA GLU A 30 -1.37 0.94 8.08
C GLU A 30 0.00 0.25 8.04
N GLN A 31 0.88 0.63 8.95
CA GLN A 31 2.21 0.05 9.01
C GLN A 31 2.15 -1.47 9.16
N LEU A 32 1.23 -1.93 10.00
CA LEU A 32 1.06 -3.36 10.24
C LEU A 32 0.11 -3.97 9.22
N ALA A 33 -0.93 -3.22 8.86
CA ALA A 33 -1.91 -3.69 7.89
C ALA A 33 -1.27 -3.93 6.52
N SER A 34 -0.40 -2.99 6.12
CA SER A 34 0.28 -3.10 4.84
C SER A 34 1.20 -4.30 4.80
N GLY A 35 1.90 -4.54 5.90
CA GLY A 35 2.81 -5.68 5.98
C GLY A 35 2.08 -7.00 6.02
N GLN A 36 0.89 -7.00 6.62
CA GLN A 36 0.09 -8.22 6.72
C GLN A 36 -0.71 -8.45 5.45
N GLU A 37 -1.09 -7.37 4.77
CA GLU A 37 -1.86 -7.46 3.54
C GLU A 37 -0.93 -7.68 2.34
N ALA A 38 0.37 -7.62 2.58
CA ALA A 38 1.36 -7.81 1.52
C ALA A 38 0.95 -8.96 0.61
N GLY A 39 0.31 -9.98 1.18
CA GLY A 39 -0.11 -11.13 0.40
C GLY A 39 1.00 -11.68 -0.46
N ASP A 40 1.51 -12.85 -0.09
CA ASP A 40 2.59 -13.48 -0.84
C ASP A 40 2.21 -13.63 -2.31
N PRO A 41 1.00 -14.12 -2.58
CA PRO A 41 0.49 -14.31 -3.93
C PRO A 41 0.23 -12.98 -4.64
N GLY A 42 -0.09 -13.06 -5.93
CA GLY A 42 -0.37 -11.86 -6.71
C GLY A 42 -1.81 -11.40 -6.56
N CYS A 43 -2.72 -12.35 -6.34
CA CYS A 43 -4.13 -12.03 -6.19
C CYS A 43 -4.35 -11.06 -5.03
N LEU A 44 -3.37 -10.98 -4.14
CA LEU A 44 -3.45 -10.09 -2.98
C LEU A 44 -2.86 -8.72 -3.31
N LYS A 45 -2.15 -8.64 -4.43
CA LYS A 45 -1.53 -7.39 -4.85
C LYS A 45 -2.56 -6.26 -4.88
N PRO A 46 -3.75 -6.55 -5.40
CA PRO A 46 -4.84 -5.57 -5.49
C PRO A 46 -5.41 -5.21 -4.13
N LEU A 47 -5.28 -6.14 -3.17
CA LEU A 47 -5.78 -5.92 -1.82
C LEU A 47 -4.73 -5.24 -0.95
N HIS A 48 -3.46 -5.44 -1.30
CA HIS A 48 -2.36 -4.84 -0.55
C HIS A 48 -2.09 -3.41 -1.02
N GLU A 49 -2.19 -3.20 -2.33
CA GLU A 49 -1.96 -1.88 -2.90
C GLU A 49 -2.82 -0.82 -2.22
N LYS A 50 -4.05 -1.21 -1.89
CA LYS A 50 -4.98 -0.29 -1.22
C LYS A 50 -4.36 0.31 0.03
N ASP A 51 -3.70 -0.53 0.82
CA ASP A 51 -3.05 -0.09 2.05
C ASP A 51 -1.72 0.59 1.75
N SER A 52 -1.19 0.34 0.56
CA SER A 52 0.09 0.91 0.15
C SER A 52 -0.05 2.41 -0.10
N GLU A 53 -1.20 2.82 -0.61
CA GLU A 53 -1.46 4.23 -0.89
C GLU A 53 -1.28 5.07 0.37
N SER A 54 -1.75 4.54 1.49
CA SER A 54 -1.64 5.24 2.77
C SER A 54 -0.29 4.97 3.43
N GLY A 55 0.25 3.79 3.20
CA GLY A 55 1.53 3.44 3.78
C GLY A 55 2.63 4.40 3.39
N GLY A 56 2.40 5.16 2.32
CA GLY A 56 3.40 6.12 1.86
C GLY A 56 3.75 7.14 2.93
N GLY A 57 2.75 7.56 3.70
CA GLY A 57 2.98 8.53 4.75
C GLY A 57 4.05 8.09 5.72
N LYS A 58 4.03 6.82 6.09
CA LYS A 58 5.01 6.27 7.03
C LYS A 58 6.30 5.90 6.31
N ASP A 59 6.18 5.61 5.01
CA ASP A 59 7.35 5.25 4.21
C ASP A 59 8.16 6.47 3.84
N GLY A 60 7.50 7.63 3.79
CA GLY A 60 8.17 8.85 3.44
C GLY A 60 7.90 9.97 4.43
N LEU A 1 -7.29 -11.60 -16.41
CA LEU A 1 -7.98 -11.29 -15.16
C LEU A 1 -7.37 -10.04 -14.52
N LYS A 2 -8.25 -9.16 -14.02
CA LYS A 2 -7.81 -7.93 -13.37
C LYS A 2 -8.54 -7.73 -12.05
N VAL A 3 -7.77 -7.63 -10.97
CA VAL A 3 -8.34 -7.43 -9.64
C VAL A 3 -7.88 -6.11 -9.04
N GLY A 4 -6.75 -5.60 -9.53
CA GLY A 4 -6.23 -4.35 -9.03
C GLY A 4 -4.77 -4.46 -8.60
N PHE A 5 -4.19 -5.63 -8.81
CA PHE A 5 -2.80 -5.86 -8.44
C PHE A 5 -1.87 -4.87 -9.16
N PHE A 6 -2.37 -4.28 -10.23
CA PHE A 6 -1.59 -3.32 -10.99
C PHE A 6 -1.16 -2.14 -10.12
N LYS A 7 -1.96 -1.86 -9.09
CA LYS A 7 -1.67 -0.77 -8.17
C LYS A 7 -0.33 -0.99 -7.47
N ARG A 8 0.16 -2.22 -7.52
CA ARG A 8 1.43 -2.57 -6.88
C ARG A 8 2.52 -1.57 -7.28
N ASN A 9 2.55 -1.20 -8.55
CA ASN A 9 3.54 -0.25 -9.05
C ASN A 9 3.11 1.19 -8.77
N LEU A 10 1.83 1.47 -8.97
CA LEU A 10 1.29 2.82 -8.73
C LEU A 10 1.54 3.24 -7.29
N LYS A 11 1.55 2.28 -6.38
CA LYS A 11 1.78 2.55 -4.96
C LYS A 11 3.26 2.41 -4.61
N GLU A 12 3.97 1.61 -5.40
CA GLU A 12 5.39 1.38 -5.16
C GLU A 12 6.13 2.71 -4.98
N LYS A 13 5.59 3.77 -5.58
CA LYS A 13 6.19 5.09 -5.47
C LYS A 13 5.84 5.75 -4.15
N ILE A 14 4.63 5.50 -3.67
CA ILE A 14 4.19 6.07 -2.40
C ILE A 14 5.06 5.60 -1.25
N GLU A 15 5.35 4.30 -1.22
CA GLU A 15 6.19 3.73 -0.17
C GLU A 15 7.46 4.55 0.02
N ALA A 16 7.79 5.36 -0.97
CA ALA A 16 8.99 6.19 -0.92
C ALA A 16 8.65 7.65 -1.23
N GLY A 17 7.50 7.86 -1.86
CA GLY A 17 7.09 9.21 -2.20
C GLY A 17 6.12 9.80 -1.20
N ARG A 18 4.91 10.09 -1.64
CA ARG A 18 3.89 10.67 -0.76
C ARG A 18 2.50 10.17 -1.14
N GLY A 19 2.01 9.18 -0.39
CA GLY A 19 0.70 8.62 -0.66
C GLY A 19 -0.36 9.70 -0.83
N VAL A 20 -1.57 9.28 -1.17
CA VAL A 20 -2.68 10.21 -1.36
C VAL A 20 -2.77 11.19 -0.19
N PRO A 21 -3.03 10.66 1.01
CA PRO A 21 -3.16 11.46 2.23
C PRO A 21 -1.82 12.06 2.67
N ASN A 22 -0.80 11.21 2.73
CA ASN A 22 0.53 11.65 3.14
C ASN A 22 0.45 12.65 4.28
N GLY A 23 0.40 12.13 5.51
CA GLY A 23 0.31 13.00 6.68
C GLY A 23 -0.71 12.52 7.68
N ILE A 24 -1.45 11.48 7.32
CA ILE A 24 -2.47 10.92 8.20
C ILE A 24 -1.87 9.88 9.14
N PRO A 25 -2.58 9.60 10.24
CA PRO A 25 -2.15 8.62 11.23
C PRO A 25 -2.19 7.19 10.71
N ALA A 26 -2.35 7.05 9.40
CA ALA A 26 -2.41 5.74 8.77
C ALA A 26 -1.13 4.94 9.02
N GLU A 27 -0.10 5.64 9.49
CA GLU A 27 1.18 5.00 9.78
C GLU A 27 0.99 3.77 10.65
N ASP A 28 0.05 3.85 11.59
CA ASP A 28 -0.23 2.75 12.49
C ASP A 28 -0.89 1.60 11.75
N SER A 29 -1.63 1.92 10.69
CA SER A 29 -2.31 0.91 9.90
C SER A 29 -1.36 0.23 8.93
N GLU A 30 -0.52 1.03 8.27
CA GLU A 30 0.45 0.51 7.32
C GLU A 30 1.41 -0.47 7.99
N GLN A 31 1.60 -0.30 9.29
CA GLN A 31 2.49 -1.16 10.06
C GLN A 31 2.15 -2.62 9.84
N LEU A 32 0.86 -2.94 9.85
CA LEU A 32 0.39 -4.30 9.65
C LEU A 32 0.20 -4.60 8.17
N ALA A 33 -0.25 -3.60 7.42
CA ALA A 33 -0.47 -3.74 5.99
C ALA A 33 0.81 -4.16 5.28
N SER A 34 1.92 -3.55 5.66
CA SER A 34 3.21 -3.85 5.05
C SER A 34 3.54 -5.34 5.19
N GLY A 35 3.31 -5.88 6.37
CA GLY A 35 3.59 -7.29 6.61
C GLY A 35 2.65 -8.21 5.85
N GLN A 36 1.42 -7.72 5.62
CA GLN A 36 0.43 -8.51 4.90
C GLN A 36 0.78 -8.60 3.42
N GLU A 37 1.63 -7.69 2.95
CA GLU A 37 2.03 -7.67 1.55
C GLU A 37 2.65 -9.01 1.16
N ALA A 38 3.09 -9.78 2.14
CA ALA A 38 3.69 -11.07 1.90
C ALA A 38 2.78 -11.97 1.07
N GLY A 39 1.50 -11.60 1.01
CA GLY A 39 0.54 -12.38 0.25
C GLY A 39 1.16 -13.05 -0.95
N ASP A 40 1.31 -14.36 -0.89
CA ASP A 40 1.90 -15.12 -1.98
C ASP A 40 1.14 -14.88 -3.28
N PRO A 41 -0.19 -15.00 -3.22
CA PRO A 41 -1.06 -14.80 -4.39
C PRO A 41 -1.12 -13.34 -4.81
N GLY A 42 -1.58 -13.09 -6.03
CA GLY A 42 -1.69 -11.74 -6.54
C GLY A 42 -3.00 -11.08 -6.17
N CYS A 43 -4.01 -11.90 -5.90
CA CYS A 43 -5.32 -11.38 -5.53
C CYS A 43 -5.25 -10.52 -4.29
N LEU A 44 -4.17 -10.67 -3.53
CA LEU A 44 -3.97 -9.90 -2.31
C LEU A 44 -3.24 -8.59 -2.60
N LYS A 45 -2.60 -8.53 -3.76
CA LYS A 45 -1.86 -7.34 -4.15
C LYS A 45 -2.77 -6.11 -4.17
N PRO A 46 -3.98 -6.28 -4.72
CA PRO A 46 -4.98 -5.20 -4.81
C PRO A 46 -5.55 -4.83 -3.45
N LEU A 47 -5.41 -5.74 -2.49
CA LEU A 47 -5.92 -5.51 -1.14
C LEU A 47 -4.85 -4.83 -0.27
N HIS A 48 -3.59 -5.04 -0.62
CA HIS A 48 -2.48 -4.45 0.12
C HIS A 48 -2.18 -3.04 -0.39
N GLU A 49 -2.18 -2.89 -1.71
CA GLU A 49 -1.90 -1.61 -2.33
C GLU A 49 -2.79 -0.52 -1.75
N LYS A 50 -4.03 -0.89 -1.42
CA LYS A 50 -4.98 0.06 -0.86
C LYS A 50 -4.42 0.72 0.40
N ASP A 51 -3.81 -0.08 1.26
CA ASP A 51 -3.23 0.43 2.49
C ASP A 51 -1.92 1.16 2.22
N SER A 52 -1.32 0.90 1.05
CA SER A 52 -0.07 1.53 0.68
C SER A 52 -0.28 3.01 0.37
N GLU A 53 -1.39 3.32 -0.29
CA GLU A 53 -1.71 4.70 -0.64
C GLU A 53 -1.82 5.57 0.61
N SER A 54 -2.37 5.00 1.68
CA SER A 54 -2.53 5.72 2.93
C SER A 54 -1.23 5.74 3.73
N GLY A 55 -0.43 4.69 3.56
CA GLY A 55 0.83 4.59 4.26
C GLY A 55 1.78 5.74 3.92
N GLY A 56 1.41 6.51 2.91
CA GLY A 56 2.24 7.63 2.50
C GLY A 56 2.66 8.50 3.67
N GLY A 57 1.83 8.54 4.71
CA GLY A 57 2.14 9.34 5.88
C GLY A 57 3.45 8.94 6.52
N LYS A 58 3.68 7.64 6.64
CA LYS A 58 4.90 7.12 7.24
C LYS A 58 6.01 7.02 6.20
N ASP A 59 5.63 6.82 4.95
CA ASP A 59 6.59 6.69 3.86
C ASP A 59 7.36 8.00 3.67
N GLY A 60 6.67 9.12 3.90
CA GLY A 60 7.29 10.42 3.74
C GLY A 60 8.49 10.60 4.66
N LEU A 1 -7.85 -13.30 -13.08
CA LEU A 1 -8.12 -12.36 -12.01
C LEU A 1 -7.19 -11.16 -12.09
N LYS A 2 -7.74 -9.97 -11.90
CA LYS A 2 -6.96 -8.73 -11.95
C LYS A 2 -7.27 -7.85 -10.75
N VAL A 3 -8.50 -7.34 -10.71
CA VAL A 3 -8.93 -6.48 -9.60
C VAL A 3 -8.25 -5.11 -9.69
N GLY A 4 -6.93 -5.10 -9.52
CA GLY A 4 -6.19 -3.86 -9.58
C GLY A 4 -4.74 -4.02 -9.14
N PHE A 5 -4.16 -5.17 -9.46
CA PHE A 5 -2.78 -5.46 -9.10
C PHE A 5 -1.83 -4.42 -9.70
N PHE A 6 -2.31 -3.73 -10.73
CA PHE A 6 -1.51 -2.70 -11.40
C PHE A 6 -1.11 -1.60 -10.44
N LYS A 7 -2.01 -1.30 -9.49
CA LYS A 7 -1.76 -0.26 -8.50
C LYS A 7 -0.50 -0.57 -7.69
N ARG A 8 -0.07 -1.83 -7.74
CA ARG A 8 1.12 -2.26 -7.01
C ARG A 8 2.31 -1.35 -7.34
N ASN A 9 2.47 -1.03 -8.62
CA ASN A 9 3.56 -0.18 -9.07
C ASN A 9 3.26 1.29 -8.78
N LEU A 10 2.04 1.71 -9.09
CA LEU A 10 1.62 3.09 -8.86
C LEU A 10 1.77 3.47 -7.39
N LYS A 11 1.63 2.48 -6.51
CA LYS A 11 1.74 2.71 -5.08
C LYS A 11 3.16 2.43 -4.60
N GLU A 12 3.88 1.60 -5.35
CA GLU A 12 5.25 1.24 -5.00
C GLU A 12 6.07 2.50 -4.66
N LYS A 13 5.68 3.62 -5.25
CA LYS A 13 6.37 4.88 -5.02
C LYS A 13 5.93 5.51 -3.70
N ILE A 14 4.65 5.37 -3.38
CA ILE A 14 4.10 5.92 -2.15
C ILE A 14 4.83 5.35 -0.93
N GLU A 15 5.02 4.04 -0.91
CA GLU A 15 5.69 3.38 0.19
C GLU A 15 7.03 4.05 0.50
N ALA A 16 7.53 4.81 -0.47
CA ALA A 16 8.80 5.52 -0.31
C ALA A 16 8.59 7.03 -0.30
N GLY A 17 7.55 7.49 -0.99
CA GLY A 17 7.26 8.91 -1.05
C GLY A 17 5.79 9.20 -1.30
N ARG A 18 5.54 10.14 -2.20
CA ARG A 18 4.16 10.51 -2.53
C ARG A 18 3.24 10.37 -1.32
N GLY A 19 2.15 9.62 -1.50
CA GLY A 19 1.22 9.43 -0.40
C GLY A 19 -0.04 10.27 -0.56
N VAL A 20 -1.16 9.61 -0.82
CA VAL A 20 -2.43 10.30 -0.99
C VAL A 20 -2.80 11.11 0.25
N PRO A 21 -3.02 10.41 1.37
CA PRO A 21 -3.38 11.04 2.64
C PRO A 21 -2.21 11.81 3.25
N ASN A 22 -1.07 11.15 3.39
CA ASN A 22 0.12 11.77 3.96
C ASN A 22 -0.27 12.84 4.98
N GLY A 23 -0.49 12.41 6.22
CA GLY A 23 -0.86 13.33 7.27
C GLY A 23 -1.94 12.79 8.17
N ILE A 24 -1.89 11.49 8.44
CA ILE A 24 -2.88 10.84 9.29
C ILE A 24 -2.27 9.71 10.10
N PRO A 25 -2.96 9.29 11.16
CA PRO A 25 -2.51 8.20 12.03
C PRO A 25 -2.54 6.85 11.34
N ALA A 26 -2.77 6.85 10.03
CA ALA A 26 -2.82 5.63 9.26
C ALA A 26 -1.53 4.83 9.39
N GLU A 27 -0.46 5.52 9.79
CA GLU A 27 0.84 4.89 9.96
C GLU A 27 0.73 3.68 10.88
N ASP A 28 -0.08 3.79 11.93
CA ASP A 28 -0.26 2.71 12.88
C ASP A 28 -0.96 1.52 12.22
N SER A 29 -1.81 1.81 11.24
CA SER A 29 -2.54 0.76 10.53
C SER A 29 -1.65 0.07 9.52
N GLU A 30 -0.86 0.85 8.78
CA GLU A 30 0.03 0.30 7.78
C GLU A 30 1.05 -0.66 8.40
N GLN A 31 1.32 -0.45 9.69
CA GLN A 31 2.26 -1.30 10.41
C GLN A 31 1.91 -2.77 10.23
N LEU A 32 0.63 -3.09 10.34
CA LEU A 32 0.16 -4.47 10.19
C LEU A 32 -0.14 -4.79 8.73
N ALA A 33 -0.65 -3.80 8.01
CA ALA A 33 -0.98 -3.97 6.60
C ALA A 33 0.26 -4.36 5.79
N SER A 34 1.40 -3.75 6.12
CA SER A 34 2.65 -4.04 5.42
C SER A 34 2.95 -5.54 5.45
N GLY A 35 2.75 -6.16 6.61
CA GLY A 35 3.01 -7.57 6.75
C GLY A 35 2.01 -8.42 5.99
N GLN A 36 0.77 -7.94 5.89
CA GLN A 36 -0.28 -8.66 5.19
C GLN A 36 -0.17 -8.44 3.68
N GLU A 37 0.52 -7.38 3.29
CA GLU A 37 0.69 -7.06 1.88
C GLU A 37 1.66 -8.03 1.22
N ALA A 38 2.37 -8.80 2.04
CA ALA A 38 3.33 -9.77 1.53
C ALA A 38 2.69 -10.70 0.49
N GLY A 39 1.37 -10.73 0.48
CA GLY A 39 0.65 -11.58 -0.46
C GLY A 39 1.57 -12.16 -1.53
N ASP A 40 1.87 -13.44 -1.40
CA ASP A 40 2.73 -14.12 -2.36
C ASP A 40 2.15 -14.05 -3.76
N PRO A 41 0.87 -14.42 -3.90
CA PRO A 41 0.17 -14.41 -5.18
C PRO A 41 -0.08 -13.00 -5.70
N GLY A 42 -0.56 -12.89 -6.93
CA GLY A 42 -0.83 -11.60 -7.52
C GLY A 42 -2.19 -11.05 -7.12
N CYS A 43 -3.12 -11.95 -6.82
CA CYS A 43 -4.46 -11.55 -6.42
C CYS A 43 -4.43 -10.67 -5.18
N LEU A 44 -3.31 -10.71 -4.46
CA LEU A 44 -3.14 -9.92 -3.25
C LEU A 44 -2.57 -8.55 -3.56
N LYS A 45 -1.98 -8.43 -4.75
CA LYS A 45 -1.38 -7.17 -5.18
C LYS A 45 -2.41 -6.04 -5.15
N PRO A 46 -3.61 -6.33 -5.66
CA PRO A 46 -4.70 -5.35 -5.69
C PRO A 46 -5.26 -5.04 -4.30
N LEU A 47 -5.11 -5.99 -3.38
CA LEU A 47 -5.59 -5.82 -2.02
C LEU A 47 -4.53 -5.15 -1.15
N HIS A 48 -3.27 -5.29 -1.55
CA HIS A 48 -2.16 -4.69 -0.81
C HIS A 48 -1.95 -3.24 -1.21
N GLU A 49 -2.07 -2.97 -2.52
CA GLU A 49 -1.90 -1.61 -3.03
C GLU A 49 -2.78 -0.63 -2.30
N LYS A 50 -3.96 -1.09 -1.88
CA LYS A 50 -4.91 -0.25 -1.15
C LYS A 50 -4.26 0.36 0.08
N ASP A 51 -3.53 -0.47 0.83
CA ASP A 51 -2.85 -0.02 2.05
C ASP A 51 -1.61 0.79 1.70
N SER A 52 -1.12 0.62 0.48
CA SER A 52 0.07 1.33 0.03
C SER A 52 -0.22 2.82 -0.16
N GLU A 53 -1.39 3.12 -0.72
CA GLU A 53 -1.79 4.51 -0.94
C GLU A 53 -1.82 5.29 0.36
N SER A 54 -2.24 4.61 1.43
CA SER A 54 -2.33 5.25 2.74
C SER A 54 -0.98 5.24 3.44
N GLY A 55 -0.13 4.29 3.06
CA GLY A 55 1.19 4.19 3.66
C GLY A 55 1.99 5.47 3.51
N GLY A 56 1.53 6.37 2.65
CA GLY A 56 2.21 7.62 2.43
C GLY A 56 2.50 8.35 3.72
N GLY A 57 1.54 8.34 4.64
CA GLY A 57 1.72 9.02 5.91
C GLY A 57 2.90 8.48 6.70
N LYS A 58 3.07 7.16 6.68
CA LYS A 58 4.16 6.51 7.39
C LYS A 58 5.46 6.58 6.58
N ASP A 59 5.32 6.59 5.26
CA ASP A 59 6.47 6.66 4.37
C ASP A 59 7.26 7.95 4.59
N GLY A 60 6.54 9.04 4.82
CA GLY A 60 7.18 10.32 5.05
C GLY A 60 8.21 10.26 6.17
N LEU A 1 -8.18 -13.02 -12.29
CA LEU A 1 -8.32 -12.24 -11.06
C LEU A 1 -8.25 -10.74 -11.35
N LYS A 2 -7.06 -10.27 -11.69
CA LYS A 2 -6.86 -8.85 -11.99
C LYS A 2 -7.25 -7.98 -10.80
N VAL A 3 -8.52 -7.58 -10.76
CA VAL A 3 -9.02 -6.75 -9.68
C VAL A 3 -8.37 -5.37 -9.71
N GLY A 4 -7.08 -5.32 -9.35
CA GLY A 4 -6.37 -4.05 -9.35
C GLY A 4 -4.92 -4.22 -8.95
N PHE A 5 -4.35 -5.39 -9.21
CA PHE A 5 -2.96 -5.66 -8.88
C PHE A 5 -2.03 -4.67 -9.56
N PHE A 6 -2.52 -4.03 -10.61
CA PHE A 6 -1.73 -3.05 -11.36
C PHE A 6 -1.30 -1.90 -10.46
N LYS A 7 -2.14 -1.58 -9.48
CA LYS A 7 -1.85 -0.50 -8.54
C LYS A 7 -0.54 -0.76 -7.79
N ARG A 8 -0.11 -2.02 -7.82
CA ARG A 8 1.13 -2.41 -7.14
C ARG A 8 2.28 -1.48 -7.54
N ASN A 9 2.35 -1.17 -8.83
CA ASN A 9 3.40 -0.29 -9.34
C ASN A 9 3.08 1.17 -9.06
N LEU A 10 1.82 1.54 -9.24
CA LEU A 10 1.39 2.92 -9.00
C LEU A 10 1.69 3.35 -7.57
N LYS A 11 1.68 2.37 -6.65
CA LYS A 11 1.94 2.65 -5.24
C LYS A 11 3.43 2.46 -4.94
N GLU A 12 4.09 1.62 -5.73
CA GLU A 12 5.51 1.36 -5.54
C GLU A 12 6.29 2.65 -5.37
N LYS A 13 5.77 3.73 -5.95
CA LYS A 13 6.42 5.03 -5.87
C LYS A 13 6.11 5.71 -4.53
N ILE A 14 4.88 5.55 -4.07
CA ILE A 14 4.45 6.15 -2.81
C ILE A 14 5.37 5.73 -1.67
N GLU A 15 5.68 4.44 -1.61
CA GLU A 15 6.55 3.90 -0.57
C GLU A 15 7.81 4.76 -0.43
N ALA A 16 8.10 5.54 -1.45
CA ALA A 16 9.28 6.41 -1.44
C ALA A 16 8.90 7.85 -1.76
N GLY A 17 7.71 8.04 -2.31
CA GLY A 17 7.25 9.38 -2.65
C GLY A 17 6.71 10.13 -1.46
N ARG A 18 5.41 10.42 -1.47
CA ARG A 18 4.78 11.15 -0.38
C ARG A 18 3.35 10.67 -0.17
N GLY A 19 3.02 9.52 -0.74
CA GLY A 19 1.69 8.97 -0.61
C GLY A 19 0.60 9.97 -0.99
N VAL A 20 -0.65 9.53 -0.93
CA VAL A 20 -1.78 10.39 -1.27
C VAL A 20 -2.21 11.23 -0.07
N PRO A 21 -2.68 10.56 0.98
CA PRO A 21 -3.13 11.23 2.20
C PRO A 21 -1.98 11.85 2.99
N ASN A 22 -0.92 11.07 3.20
CA ASN A 22 0.24 11.55 3.94
C ASN A 22 -0.16 12.62 4.94
N GLY A 23 -0.52 12.19 6.15
CA GLY A 23 -0.92 13.13 7.18
C GLY A 23 -1.85 12.52 8.21
N ILE A 24 -2.39 11.35 7.87
CA ILE A 24 -3.30 10.65 8.77
C ILE A 24 -2.59 9.54 9.53
N PRO A 25 -3.23 9.05 10.60
CA PRO A 25 -2.67 7.97 11.43
C PRO A 25 -2.65 6.63 10.71
N ALA A 26 -2.67 6.68 9.38
CA ALA A 26 -2.65 5.47 8.57
C ALA A 26 -1.40 4.64 8.86
N GLU A 27 -0.36 5.29 9.35
CA GLU A 27 0.89 4.62 9.67
C GLU A 27 0.64 3.43 10.60
N ASP A 28 -0.23 3.63 11.57
CA ASP A 28 -0.56 2.58 12.53
C ASP A 28 -1.22 1.39 11.82
N SER A 29 -1.97 1.68 10.76
CA SER A 29 -2.66 0.64 10.01
C SER A 29 -1.69 -0.09 9.07
N GLU A 30 -0.79 0.67 8.46
CA GLU A 30 0.19 0.10 7.54
C GLU A 30 1.05 -0.94 8.24
N GLN A 31 1.20 -0.78 9.55
CA GLN A 31 2.01 -1.70 10.34
C GLN A 31 1.60 -3.15 10.07
N LEU A 32 0.29 -3.39 10.03
CA LEU A 32 -0.24 -4.72 9.78
C LEU A 32 -0.42 -4.97 8.29
N ALA A 33 -0.78 -3.92 7.57
CA ALA A 33 -0.99 -4.02 6.13
C ALA A 33 0.28 -4.50 5.43
N SER A 34 1.42 -3.98 5.85
CA SER A 34 2.70 -4.35 5.27
C SER A 34 2.92 -5.86 5.34
N GLY A 35 2.57 -6.45 6.48
CA GLY A 35 2.73 -7.88 6.66
C GLY A 35 1.80 -8.68 5.76
N GLN A 36 0.63 -8.12 5.48
CA GLN A 36 -0.35 -8.80 4.64
C GLN A 36 0.11 -8.83 3.19
N GLU A 37 1.03 -7.94 2.84
CA GLU A 37 1.55 -7.87 1.48
C GLU A 37 2.22 -9.18 1.09
N ALA A 38 2.55 -9.99 2.09
CA ALA A 38 3.19 -11.27 1.85
C ALA A 38 2.38 -12.13 0.89
N GLY A 39 1.12 -11.76 0.69
CA GLY A 39 0.25 -12.50 -0.20
C GLY A 39 1.00 -13.09 -1.37
N ASP A 40 1.19 -14.41 -1.34
CA ASP A 40 1.90 -15.11 -2.41
C ASP A 40 1.27 -14.81 -3.77
N PRO A 41 -0.07 -14.99 -3.84
CA PRO A 41 -0.82 -14.75 -5.08
C PRO A 41 -0.89 -13.28 -5.44
N GLY A 42 -1.38 -12.98 -6.64
CA GLY A 42 -1.49 -11.61 -7.09
C GLY A 42 -2.76 -10.94 -6.61
N CYS A 43 -3.73 -11.74 -6.22
CA CYS A 43 -5.01 -11.22 -5.72
C CYS A 43 -4.80 -10.35 -4.49
N LEU A 44 -3.64 -10.50 -3.86
CA LEU A 44 -3.32 -9.73 -2.66
C LEU A 44 -2.66 -8.40 -3.03
N LYS A 45 -2.15 -8.32 -4.25
CA LYS A 45 -1.50 -7.11 -4.73
C LYS A 45 -2.44 -5.92 -4.66
N PRO A 46 -3.68 -6.12 -5.13
CA PRO A 46 -4.71 -5.07 -5.13
C PRO A 46 -5.20 -4.74 -3.73
N LEU A 47 -5.06 -5.68 -2.81
CA LEU A 47 -5.48 -5.49 -1.43
C LEU A 47 -4.37 -4.85 -0.60
N HIS A 48 -3.13 -5.06 -1.03
CA HIS A 48 -1.97 -4.50 -0.33
C HIS A 48 -1.69 -3.08 -0.81
N GLU A 49 -1.80 -2.87 -2.12
CA GLU A 49 -1.54 -1.56 -2.71
C GLU A 49 -2.41 -0.49 -2.06
N LYS A 50 -3.64 -0.89 -1.70
CA LYS A 50 -4.59 0.04 -1.08
C LYS A 50 -3.97 0.69 0.16
N ASP A 51 -3.26 -0.11 0.96
CA ASP A 51 -2.62 0.38 2.18
C ASP A 51 -1.33 1.12 1.84
N SER A 52 -0.80 0.86 0.65
CA SER A 52 0.44 1.49 0.21
C SER A 52 0.22 2.97 -0.07
N GLU A 53 -0.94 3.31 -0.64
CA GLU A 53 -1.26 4.69 -0.95
C GLU A 53 -1.20 5.56 0.30
N SER A 54 -1.67 5.02 1.42
CA SER A 54 -1.67 5.74 2.69
C SER A 54 -0.32 5.60 3.39
N GLY A 55 0.35 4.48 3.15
CA GLY A 55 1.64 4.25 3.78
C GLY A 55 2.66 5.31 3.41
N GLY A 56 2.36 6.09 2.38
CA GLY A 56 3.27 7.13 1.94
C GLY A 56 3.61 8.09 3.05
N GLY A 57 2.62 8.43 3.88
CA GLY A 57 2.85 9.35 4.97
C GLY A 57 3.95 8.89 5.90
N LYS A 58 3.96 7.60 6.20
CA LYS A 58 4.97 7.03 7.09
C LYS A 58 6.25 6.70 6.32
N ASP A 59 6.11 6.46 5.02
CA ASP A 59 7.25 6.14 4.17
C ASP A 59 8.07 7.39 3.87
N GLY A 60 7.39 8.52 3.73
CA GLY A 60 8.08 9.76 3.44
C GLY A 60 8.48 10.51 4.69
N LEU A 1 -3.79 -12.47 -10.49
CA LEU A 1 -3.67 -11.02 -10.41
C LEU A 1 -4.92 -10.34 -10.96
N LYS A 2 -5.80 -9.90 -10.06
CA LYS A 2 -7.04 -9.22 -10.46
C LYS A 2 -7.57 -8.35 -9.33
N VAL A 3 -8.80 -7.87 -9.48
CA VAL A 3 -9.42 -7.03 -8.48
C VAL A 3 -8.87 -5.60 -8.54
N GLY A 4 -7.56 -5.48 -8.47
CA GLY A 4 -6.93 -4.17 -8.52
C GLY A 4 -5.42 -4.25 -8.47
N PHE A 5 -4.86 -5.33 -8.99
CA PHE A 5 -3.42 -5.52 -9.00
C PHE A 5 -2.73 -4.38 -9.73
N PHE A 6 -3.49 -3.65 -10.54
CA PHE A 6 -2.94 -2.54 -11.30
C PHE A 6 -2.33 -1.49 -10.37
N LYS A 7 -2.79 -1.47 -9.12
CA LYS A 7 -2.29 -0.53 -8.13
C LYS A 7 -0.81 -0.78 -7.83
N ARG A 8 -0.30 -1.91 -8.33
CA ARG A 8 1.10 -2.26 -8.12
C ARG A 8 2.01 -1.06 -8.32
N ASN A 9 1.70 -0.25 -9.32
CA ASN A 9 2.49 0.93 -9.63
C ASN A 9 2.48 1.90 -8.45
N LEU A 10 1.32 2.07 -7.83
CA LEU A 10 1.18 2.96 -6.68
C LEU A 10 2.10 2.53 -5.54
N LYS A 11 2.55 1.29 -5.59
CA LYS A 11 3.44 0.76 -4.56
C LYS A 11 4.89 1.21 -4.81
N GLU A 12 5.30 1.18 -6.08
CA GLU A 12 6.65 1.59 -6.44
C GLU A 12 6.97 2.97 -5.91
N LYS A 13 5.96 3.85 -5.90
CA LYS A 13 6.14 5.21 -5.41
C LYS A 13 5.89 5.29 -3.91
N ILE A 14 4.85 4.60 -3.45
CA ILE A 14 4.50 4.58 -2.03
C ILE A 14 5.63 3.99 -1.20
N GLU A 15 6.20 2.89 -1.67
CA GLU A 15 7.30 2.23 -0.97
C GLU A 15 8.48 3.18 -0.78
N ALA A 16 8.46 4.29 -1.51
CA ALA A 16 9.52 5.28 -1.42
C ALA A 16 9.06 6.51 -0.67
N GLY A 17 7.88 7.02 -1.02
CA GLY A 17 7.35 8.20 -0.36
C GLY A 17 6.27 8.88 -1.18
N ARG A 18 5.01 8.61 -0.84
CA ARG A 18 3.88 9.20 -1.54
C ARG A 18 2.66 9.27 -0.65
N GLY A 19 1.84 8.21 -0.68
CA GLY A 19 0.65 8.17 0.14
C GLY A 19 -0.34 9.27 -0.21
N VAL A 20 -1.62 8.93 -0.26
CA VAL A 20 -2.66 9.90 -0.60
C VAL A 20 -2.90 10.86 0.55
N PRO A 21 -3.34 10.31 1.69
CA PRO A 21 -3.62 11.11 2.90
C PRO A 21 -2.35 11.65 3.54
N ASN A 22 -1.38 10.77 3.75
CA ASN A 22 -0.12 11.16 4.36
C ASN A 22 -0.28 12.44 5.18
N GLY A 23 -0.65 12.28 6.45
CA GLY A 23 -0.84 13.42 7.31
C GLY A 23 -0.66 13.08 8.78
N ILE A 24 -1.24 11.96 9.20
CA ILE A 24 -1.14 11.51 10.57
C ILE A 24 -1.49 10.03 10.70
N PRO A 25 -2.73 9.68 10.35
CA PRO A 25 -3.21 8.30 10.41
C PRO A 25 -2.55 7.41 9.37
N ALA A 26 -1.71 8.01 8.52
CA ALA A 26 -1.02 7.26 7.48
C ALA A 26 -0.18 6.14 8.08
N GLU A 27 0.54 6.45 9.15
CA GLU A 27 1.39 5.47 9.82
C GLU A 27 0.56 4.26 10.28
N ASP A 28 -0.61 4.54 10.82
CA ASP A 28 -1.50 3.48 11.31
C ASP A 28 -1.99 2.62 10.15
N SER A 29 -2.03 3.19 8.95
CA SER A 29 -2.48 2.47 7.77
C SER A 29 -1.38 1.56 7.23
N GLU A 30 -0.15 2.07 7.19
CA GLU A 30 0.98 1.31 6.71
C GLU A 30 1.21 0.06 7.57
N GLN A 31 0.84 0.16 8.84
CA GLN A 31 1.01 -0.95 9.76
C GLN A 31 0.36 -2.22 9.21
N LEU A 32 -0.82 -2.07 8.62
CA LEU A 32 -1.54 -3.20 8.05
C LEU A 32 -1.11 -3.46 6.61
N ALA A 33 -0.79 -2.38 5.90
CA ALA A 33 -0.36 -2.48 4.51
C ALA A 33 0.92 -3.30 4.39
N SER A 34 1.87 -3.05 5.28
CA SER A 34 3.14 -3.76 5.28
C SER A 34 2.93 -5.25 5.50
N GLY A 35 2.06 -5.59 6.45
CA GLY A 35 1.78 -6.98 6.74
C GLY A 35 0.94 -7.64 5.66
N GLN A 36 0.16 -6.84 4.95
CA GLN A 36 -0.69 -7.35 3.89
C GLN A 36 0.12 -7.63 2.62
N GLU A 37 1.26 -6.97 2.50
CA GLU A 37 2.13 -7.14 1.33
C GLU A 37 2.65 -8.58 1.27
N ALA A 38 2.59 -9.28 2.39
CA ALA A 38 3.06 -10.66 2.45
C ALA A 38 2.38 -11.52 1.40
N GLY A 39 1.27 -11.03 0.86
CA GLY A 39 0.54 -11.77 -0.15
C GLY A 39 1.45 -12.36 -1.21
N ASP A 40 1.71 -13.67 -1.11
CA ASP A 40 2.57 -14.34 -2.06
C ASP A 40 2.05 -14.18 -3.49
N PRO A 41 0.77 -14.51 -3.70
CA PRO A 41 0.12 -14.40 -5.01
C PRO A 41 -0.08 -12.95 -5.43
N GLY A 42 -0.50 -12.76 -6.68
CA GLY A 42 -0.72 -11.42 -7.19
C GLY A 42 -2.10 -10.90 -6.86
N CYS A 43 -3.05 -11.81 -6.72
CA CYS A 43 -4.43 -11.44 -6.41
C CYS A 43 -4.53 -10.84 -5.01
N LEU A 44 -3.44 -10.98 -4.24
CA LEU A 44 -3.41 -10.45 -2.88
C LEU A 44 -2.76 -9.06 -2.85
N LYS A 45 -2.10 -8.71 -3.94
CA LYS A 45 -1.44 -7.41 -4.05
C LYS A 45 -2.46 -6.28 -4.07
N PRO A 46 -3.62 -6.54 -4.69
CA PRO A 46 -4.70 -5.56 -4.78
C PRO A 46 -5.37 -5.29 -3.44
N LEU A 47 -5.19 -6.21 -2.50
CA LEU A 47 -5.77 -6.08 -1.17
C LEU A 47 -4.83 -5.30 -0.25
N HIS A 48 -3.54 -5.43 -0.48
CA HIS A 48 -2.54 -4.76 0.33
C HIS A 48 -2.31 -3.33 -0.17
N GLU A 49 -2.30 -3.16 -1.49
CA GLU A 49 -2.10 -1.86 -2.09
C GLU A 49 -3.07 -0.82 -1.51
N LYS A 50 -4.28 -1.28 -1.19
CA LYS A 50 -5.30 -0.40 -0.61
C LYS A 50 -4.77 0.30 0.64
N ASP A 51 -4.13 -0.47 1.51
CA ASP A 51 -3.58 0.08 2.75
C ASP A 51 -2.30 0.85 2.47
N SER A 52 -1.70 0.60 1.31
CA SER A 52 -0.46 1.28 0.94
C SER A 52 -0.71 2.74 0.60
N GLU A 53 -1.86 3.01 -0.01
CA GLU A 53 -2.22 4.37 -0.39
C GLU A 53 -2.22 5.29 0.83
N SER A 54 -2.68 4.76 1.97
CA SER A 54 -2.73 5.54 3.20
C SER A 54 -1.43 5.40 3.99
N GLY A 55 -0.76 4.26 3.82
CA GLY A 55 0.48 4.03 4.52
C GLY A 55 1.64 4.79 3.90
N GLY A 56 1.44 5.28 2.68
CA GLY A 56 2.48 6.02 1.99
C GLY A 56 2.96 7.23 2.79
N GLY A 57 2.11 7.70 3.69
CA GLY A 57 2.47 8.85 4.50
C GLY A 57 3.65 8.59 5.41
N LYS A 58 3.62 7.44 6.09
CA LYS A 58 4.70 7.07 7.00
C LYS A 58 5.87 6.46 6.23
N ASP A 59 5.58 5.86 5.08
CA ASP A 59 6.60 5.24 4.26
C ASP A 59 7.51 6.30 3.64
N GLY A 60 6.99 7.51 3.49
CA GLY A 60 7.77 8.59 2.92
C GLY A 60 8.55 9.37 3.97
N LEU A 1 -5.17 -13.14 -11.05
CA LEU A 1 -6.40 -12.75 -11.73
C LEU A 1 -6.36 -11.28 -12.15
N LYS A 2 -6.63 -10.40 -11.20
CA LYS A 2 -6.61 -8.96 -11.46
C LYS A 2 -6.93 -8.17 -10.20
N VAL A 3 -8.22 -7.98 -9.94
CA VAL A 3 -8.66 -7.24 -8.76
C VAL A 3 -8.16 -5.80 -8.80
N GLY A 4 -6.87 -5.62 -8.56
CA GLY A 4 -6.28 -4.29 -8.57
C GLY A 4 -4.78 -4.32 -8.49
N PHE A 5 -4.18 -5.43 -8.89
CA PHE A 5 -2.73 -5.59 -8.86
C PHE A 5 -2.06 -4.53 -9.73
N PHE A 6 -2.83 -3.94 -10.64
CA PHE A 6 -2.30 -2.91 -11.54
C PHE A 6 -1.84 -1.69 -10.74
N LYS A 7 -2.48 -1.46 -9.60
CA LYS A 7 -2.14 -0.32 -8.75
C LYS A 7 -0.71 -0.44 -8.24
N ARG A 8 -0.12 -1.62 -8.39
CA ARG A 8 1.25 -1.87 -7.95
C ARG A 8 2.18 -0.76 -8.43
N ASN A 9 1.99 -0.34 -9.68
CA ASN A 9 2.82 0.71 -10.27
C ASN A 9 2.34 2.09 -9.83
N LEU A 10 1.03 2.31 -9.91
CA LEU A 10 0.44 3.58 -9.52
C LEU A 10 0.77 3.92 -8.07
N LYS A 11 0.91 2.89 -7.25
CA LYS A 11 1.23 3.07 -5.84
C LYS A 11 2.72 2.88 -5.59
N GLU A 12 3.41 2.30 -6.57
CA GLU A 12 4.84 2.06 -6.46
C GLU A 12 5.56 3.30 -5.92
N LYS A 13 5.00 4.47 -6.21
CA LYS A 13 5.58 5.73 -5.75
C LYS A 13 5.55 5.83 -4.24
N ILE A 14 4.47 5.33 -3.64
CA ILE A 14 4.31 5.37 -2.19
C ILE A 14 5.33 4.46 -1.51
N GLU A 15 5.49 3.26 -2.04
CA GLU A 15 6.44 2.30 -1.49
C GLU A 15 7.87 2.82 -1.60
N ALA A 16 8.05 3.89 -2.36
CA ALA A 16 9.37 4.50 -2.55
C ALA A 16 9.50 5.79 -1.76
N GLY A 17 8.58 6.72 -2.00
CA GLY A 17 8.61 7.99 -1.30
C GLY A 17 7.63 9.00 -1.89
N ARG A 18 6.38 8.92 -1.45
CA ARG A 18 5.34 9.83 -1.93
C ARG A 18 4.19 9.91 -0.93
N GLY A 19 3.37 8.87 -0.90
CA GLY A 19 2.24 8.85 0.02
C GLY A 19 1.18 9.87 -0.35
N VAL A 20 -0.05 9.41 -0.56
CA VAL A 20 -1.15 10.28 -0.91
C VAL A 20 -1.50 11.22 0.24
N PRO A 21 -1.92 10.64 1.37
CA PRO A 21 -2.29 11.40 2.56
C PRO A 21 -1.08 12.07 3.23
N ASN A 22 -0.06 11.25 3.51
CA ASN A 22 1.15 11.76 4.15
C ASN A 22 0.82 12.84 5.18
N GLY A 23 0.56 12.42 6.40
CA GLY A 23 0.23 13.36 7.46
C GLY A 23 -0.93 12.89 8.33
N ILE A 24 -1.04 11.58 8.49
CA ILE A 24 -2.10 11.00 9.31
C ILE A 24 -1.62 9.76 10.05
N PRO A 25 -2.38 9.35 11.07
CA PRO A 25 -2.06 8.18 11.88
C PRO A 25 -2.22 6.87 11.10
N ALA A 26 -2.39 6.98 9.80
CA ALA A 26 -2.56 5.81 8.94
C ALA A 26 -1.38 4.85 9.09
N GLU A 27 -0.26 5.37 9.57
CA GLU A 27 0.94 4.55 9.76
C GLU A 27 0.64 3.35 10.66
N ASP A 28 -0.21 3.56 11.65
CA ASP A 28 -0.58 2.49 12.57
C ASP A 28 -1.47 1.47 11.88
N SER A 29 -2.19 1.91 10.86
CA SER A 29 -3.09 1.03 10.11
C SER A 29 -2.31 0.17 9.12
N GLU A 30 -1.36 0.79 8.43
CA GLU A 30 -0.54 0.09 7.44
C GLU A 30 0.27 -1.04 8.11
N GLN A 31 0.57 -0.84 9.39
CA GLN A 31 1.34 -1.84 10.13
C GLN A 31 0.70 -3.22 10.04
N LEU A 32 -0.63 -3.26 10.12
CA LEU A 32 -1.36 -4.51 10.04
C LEU A 32 -1.67 -4.87 8.59
N ALA A 33 -1.96 -3.85 7.79
CA ALA A 33 -2.27 -4.05 6.38
C ALA A 33 -1.11 -4.72 5.65
N SER A 34 0.11 -4.28 5.96
CA SER A 34 1.30 -4.83 5.33
C SER A 34 1.40 -6.34 5.58
N GLY A 35 0.99 -6.76 6.78
CA GLY A 35 1.04 -8.18 7.11
C GLY A 35 -0.10 -8.96 6.51
N GLN A 36 -1.22 -8.28 6.27
CA GLN A 36 -2.40 -8.93 5.68
C GLN A 36 -2.28 -8.99 4.16
N GLU A 37 -1.53 -8.06 3.60
CA GLU A 37 -1.35 -8.00 2.15
C GLU A 37 -0.27 -8.99 1.70
N ALA A 38 0.36 -9.64 2.67
CA ALA A 38 1.41 -10.61 2.38
C ALA A 38 0.94 -11.64 1.36
N GLY A 39 -0.38 -11.72 1.17
CA GLY A 39 -0.93 -12.66 0.22
C GLY A 39 0.13 -13.30 -0.65
N ASP A 40 0.35 -14.60 -0.46
CA ASP A 40 1.33 -15.33 -1.24
C ASP A 40 1.11 -15.14 -2.73
N PRO A 41 -0.14 -15.32 -3.18
CA PRO A 41 -0.51 -15.17 -4.59
C PRO A 41 -0.46 -13.72 -5.05
N GLY A 42 -0.79 -13.49 -6.31
CA GLY A 42 -0.78 -12.14 -6.86
C GLY A 42 -1.80 -11.24 -6.20
N CYS A 43 -2.75 -11.85 -5.50
CA CYS A 43 -3.81 -11.10 -4.82
C CYS A 43 -3.21 -10.18 -3.77
N LEU A 44 -1.91 -10.28 -3.56
CA LEU A 44 -1.22 -9.46 -2.57
C LEU A 44 -0.96 -8.06 -3.12
N LYS A 45 -0.72 -7.99 -4.42
CA LYS A 45 -0.45 -6.70 -5.07
C LYS A 45 -1.63 -5.75 -4.91
N PRO A 46 -2.84 -6.25 -5.22
CA PRO A 46 -4.07 -5.46 -5.12
C PRO A 46 -4.45 -5.17 -3.67
N LEU A 47 -4.01 -6.05 -2.76
CA LEU A 47 -4.31 -5.89 -1.34
C LEU A 47 -3.26 -5.01 -0.67
N HIS A 48 -2.07 -4.97 -1.23
CA HIS A 48 -0.98 -4.16 -0.69
C HIS A 48 -1.06 -2.73 -1.20
N GLU A 49 -1.35 -2.59 -2.49
CA GLU A 49 -1.45 -1.27 -3.11
C GLU A 49 -2.46 -0.40 -2.36
N LYS A 50 -3.59 -0.98 -2.01
CA LYS A 50 -4.64 -0.25 -1.29
C LYS A 50 -4.08 0.36 0.00
N ASP A 51 -3.29 -0.42 0.73
CA ASP A 51 -2.70 0.06 1.97
C ASP A 51 -1.53 1.00 1.69
N SER A 52 -1.00 0.93 0.48
CA SER A 52 0.12 1.78 0.09
C SER A 52 -0.31 3.23 -0.05
N GLU A 53 -1.47 3.43 -0.68
CA GLU A 53 -2.00 4.78 -0.88
C GLU A 53 -2.15 5.51 0.45
N SER A 54 -2.53 4.77 1.49
CA SER A 54 -2.72 5.35 2.80
C SER A 54 -1.42 5.31 3.61
N GLY A 55 -0.52 4.43 3.22
CA GLY A 55 0.75 4.31 3.90
C GLY A 55 1.54 5.61 3.88
N GLY A 56 1.09 6.56 3.08
CA GLY A 56 1.78 7.83 2.99
C GLY A 56 2.08 8.43 4.35
N GLY A 57 1.24 8.13 5.33
CA GLY A 57 1.43 8.64 6.67
C GLY A 57 2.75 8.19 7.27
N LYS A 58 3.07 6.92 7.08
CA LYS A 58 4.30 6.36 7.61
C LYS A 58 5.48 6.63 6.68
N ASP A 59 5.19 6.74 5.39
CA ASP A 59 6.22 7.01 4.39
C ASP A 59 6.76 8.43 4.53
N GLY A 60 5.91 9.33 5.01
CA GLY A 60 6.32 10.72 5.18
C GLY A 60 7.34 10.88 6.29
#